data_4Z9E
#
_entry.id   4Z9E
#
_cell.length_a   80.263
_cell.length_b   84.248
_cell.length_c   84.333
_cell.angle_alpha   90.00
_cell.angle_beta   90.00
_cell.angle_gamma   90.00
#
_symmetry.space_group_name_H-M   'P 21 21 21'
#
loop_
_entity.id
_entity.type
_entity.pdbx_description
1 polymer 'DNA/RNA-binding protein Alba'
2 water water
#
_entity_poly.entity_id   1
_entity_poly.type   'polypeptide(L)'
_entity_poly.pdbx_seq_one_letter_code
;MAEENIIFVGKKPTMNYVLAVVTQFNNNANKIIIKARGKTISKAVDVAEITRHKFIPDAKYEEIRLDTETLQGERGSSNV
SSIEITLSRLEHHHHHH
;
_entity_poly.pdbx_strand_id   A,B,C,D
#
# COMPACT_ATOMS: atom_id res chain seq x y z
N ASN A 5 11.66 -16.60 14.43
CA ASN A 5 10.95 -15.56 15.27
C ASN A 5 9.52 -15.26 14.78
N ILE A 6 9.09 -16.03 13.78
CA ILE A 6 7.80 -15.86 13.16
C ILE A 6 6.93 -17.08 13.44
N ILE A 7 5.70 -16.81 13.87
CA ILE A 7 4.77 -17.87 14.19
C ILE A 7 3.65 -17.88 13.14
N PHE A 8 3.66 -18.89 12.28
CA PHE A 8 2.60 -19.06 11.30
C PHE A 8 1.43 -19.77 11.93
N VAL A 9 0.32 -19.05 12.10
CA VAL A 9 -0.81 -19.64 12.79
C VAL A 9 -1.62 -20.45 11.82
N GLY A 10 -1.72 -21.75 12.07
CA GLY A 10 -2.48 -22.66 11.22
C GLY A 10 -3.58 -23.42 11.97
N LYS A 11 -3.60 -24.74 11.76
CA LYS A 11 -4.77 -25.54 12.18
C LYS A 11 -4.70 -26.15 13.59
N LYS A 12 -3.53 -26.16 14.22
CA LYS A 12 -3.38 -26.66 15.61
C LYS A 12 -4.25 -25.89 16.63
N PRO A 13 -4.53 -26.49 17.80
CA PRO A 13 -5.26 -25.73 18.81
C PRO A 13 -4.53 -24.45 19.23
N THR A 14 -5.33 -23.43 19.49
CA THR A 14 -4.87 -22.07 19.70
C THR A 14 -3.72 -21.97 20.71
N MET A 15 -3.81 -22.77 21.79
CA MET A 15 -2.87 -22.67 22.89
C MET A 15 -1.46 -23.09 22.48
N ASN A 16 -1.34 -23.98 21.50
CA ASN A 16 -0.01 -24.26 20.91
C ASN A 16 0.70 -23.01 20.48
N TYR A 17 -0.05 -22.14 19.81
CA TYR A 17 0.54 -20.94 19.28
C TYR A 17 0.82 -19.95 20.40
N VAL A 18 -0.03 -19.93 21.42
CA VAL A 18 0.20 -19.06 22.57
C VAL A 18 1.48 -19.50 23.27
N LEU A 19 1.68 -20.82 23.34
CA LEU A 19 2.87 -21.41 23.93
C LEU A 19 4.13 -21.03 23.16
N ALA A 20 4.08 -21.16 21.83
CA ALA A 20 5.18 -20.78 20.97
C ALA A 20 5.60 -19.32 21.20
N VAL A 21 4.62 -18.45 21.39
CA VAL A 21 4.85 -17.04 21.65
C VAL A 21 5.54 -16.87 23.00
N VAL A 22 4.98 -17.50 24.04
CA VAL A 22 5.53 -17.35 25.39
C VAL A 22 6.96 -17.91 25.46
N THR A 23 7.14 -19.14 24.99
CA THR A 23 8.47 -19.74 24.88
C THR A 23 9.51 -18.77 24.35
N GLN A 24 9.18 -18.12 23.24
CA GLN A 24 10.14 -17.27 22.57
C GLN A 24 10.43 -15.97 23.30
N PHE A 25 9.44 -15.43 24.01
CA PHE A 25 9.69 -14.28 24.90
C PHE A 25 10.62 -14.62 26.07
N ASN A 26 10.53 -15.84 26.57
CA ASN A 26 11.38 -16.29 27.68
C ASN A 26 12.76 -16.82 27.25
N ASN A 27 13.08 -16.66 25.96
CA ASN A 27 14.43 -16.83 25.45
C ASN A 27 14.87 -15.49 24.92
N ASN A 28 14.30 -14.45 25.54
CA ASN A 28 14.54 -13.04 25.22
C ASN A 28 14.71 -12.67 23.72
N ALA A 29 13.71 -13.04 22.92
CA ALA A 29 13.43 -12.29 21.71
C ALA A 29 12.76 -11.01 22.19
N ASN A 30 13.01 -9.90 21.50
CA ASN A 30 12.35 -8.67 21.89
C ASN A 30 11.02 -8.44 21.12
N LYS A 31 10.97 -8.95 19.89
CA LYS A 31 9.82 -8.87 18.98
C LYS A 31 9.34 -10.27 18.62
N ILE A 32 8.03 -10.47 18.58
CA ILE A 32 7.44 -11.65 17.97
C ILE A 32 6.42 -11.25 16.90
N ILE A 33 6.45 -11.98 15.79
CA ILE A 33 5.55 -11.78 14.67
C ILE A 33 4.58 -12.96 14.58
N ILE A 34 3.30 -12.65 14.63
CA ILE A 34 2.29 -13.66 14.38
C ILE A 34 1.69 -13.38 12.99
N LYS A 35 1.57 -14.43 12.18
CA LYS A 35 1.14 -14.31 10.79
C LYS A 35 0.07 -15.35 10.46
N ALA A 36 -1.00 -14.92 9.78
CA ALA A 36 -2.05 -15.84 9.35
C ALA A 36 -2.74 -15.34 8.07
N ARG A 37 -3.43 -16.26 7.39
CA ARG A 37 -4.11 -15.98 6.14
C ARG A 37 -5.53 -16.55 6.18
N GLY A 38 -6.43 -15.88 5.47
CA GLY A 38 -7.79 -16.38 5.29
C GLY A 38 -8.58 -16.49 6.59
N LYS A 39 -9.27 -17.61 6.75
CA LYS A 39 -10.09 -17.89 7.90
C LYS A 39 -9.33 -17.73 9.22
N THR A 40 -8.08 -18.17 9.25
CA THR A 40 -7.32 -18.21 10.50
C THR A 40 -6.85 -16.85 11.02
N ILE A 41 -7.08 -15.79 10.24
CA ILE A 41 -6.91 -14.43 10.76
C ILE A 41 -7.65 -14.23 12.11
N SER A 42 -8.83 -14.83 12.25
CA SER A 42 -9.53 -14.83 13.53
C SER A 42 -8.70 -15.46 14.64
N LYS A 43 -8.14 -16.61 14.33
CA LYS A 43 -7.36 -17.34 15.31
C LYS A 43 -6.05 -16.59 15.68
N ALA A 44 -5.40 -15.95 14.71
CA ALA A 44 -4.21 -15.17 15.02
C ALA A 44 -4.52 -14.07 16.03
N VAL A 45 -5.64 -13.39 15.85
CA VAL A 45 -6.08 -12.35 16.79
C VAL A 45 -6.31 -12.94 18.18
N ASP A 46 -7.04 -14.05 18.26
CA ASP A 46 -7.15 -14.82 19.50
C ASP A 46 -5.80 -15.11 20.18
N VAL A 47 -4.85 -15.66 19.41
CA VAL A 47 -3.53 -16.00 19.95
C VAL A 47 -2.93 -14.80 20.62
N ALA A 48 -2.93 -13.67 19.95
CA ALA A 48 -2.34 -12.45 20.52
C ALA A 48 -3.14 -11.91 21.69
N GLU A 49 -4.45 -12.09 21.68
CA GLU A 49 -5.24 -11.53 22.76
C GLU A 49 -5.17 -12.37 24.03
N ILE A 50 -5.14 -13.68 23.87
CA ILE A 50 -4.98 -14.58 25.01
C ILE A 50 -3.63 -14.33 25.65
N THR A 51 -2.63 -14.22 24.80
CA THR A 51 -1.27 -14.02 25.25
C THR A 51 -1.17 -12.81 26.17
N ARG A 52 -1.73 -11.69 25.75
CA ARG A 52 -1.57 -10.46 26.55
C ARG A 52 -2.56 -10.34 27.72
N HIS A 53 -3.54 -11.22 27.77
CA HIS A 53 -4.48 -11.22 28.88
C HIS A 53 -4.06 -12.16 29.97
N LYS A 54 -3.74 -13.39 29.61
CA LYS A 54 -3.43 -14.33 30.65
C LYS A 54 -1.95 -14.50 30.88
N PHE A 55 -1.13 -14.40 29.84
CA PHE A 55 0.22 -14.97 29.92
C PHE A 55 1.45 -14.06 29.83
N ILE A 56 1.41 -12.99 29.05
CA ILE A 56 2.48 -11.99 29.10
C ILE A 56 1.78 -10.65 29.33
N PRO A 57 1.38 -10.37 30.59
CA PRO A 57 0.52 -9.21 30.89
C PRO A 57 1.06 -7.86 30.40
N ASP A 58 2.33 -7.81 30.10
CA ASP A 58 3.03 -6.61 29.64
C ASP A 58 3.29 -6.56 28.10
N ALA A 59 2.73 -7.51 27.34
CA ALA A 59 2.89 -7.47 25.89
C ALA A 59 2.08 -6.33 25.27
N LYS A 60 2.68 -5.64 24.32
CA LYS A 60 2.00 -4.55 23.62
C LYS A 60 2.03 -4.77 22.09
N TYR A 61 1.08 -4.15 21.39
CA TYR A 61 1.06 -4.24 19.93
C TYR A 61 2.08 -3.26 19.36
N GLU A 62 3.13 -3.75 18.72
CA GLU A 62 4.05 -2.83 18.07
C GLU A 62 3.48 -2.34 16.76
N GLU A 63 3.03 -3.27 15.92
CA GLU A 63 2.27 -2.94 14.70
C GLU A 63 1.41 -4.11 14.16
N ILE A 64 0.35 -3.73 13.44
CA ILE A 64 -0.51 -4.68 12.78
C ILE A 64 -0.57 -4.32 11.29
N ARG A 65 -0.21 -5.27 10.42
CA ARG A 65 -0.31 -5.06 8.97
C ARG A 65 -1.36 -5.95 8.34
N LEU A 66 -2.23 -5.35 7.52
CA LEU A 66 -3.16 -6.12 6.73
C LEU A 66 -2.74 -6.08 5.26
N ASP A 67 -2.73 -7.23 4.59
CA ASP A 67 -2.41 -7.32 3.15
C ASP A 67 -3.30 -8.32 2.43
N THR A 68 -3.08 -8.40 1.13
CA THR A 68 -3.66 -9.45 0.28
C THR A 68 -2.51 -10.20 -0.38
N GLU A 69 -2.63 -11.51 -0.45
CA GLU A 69 -1.61 -12.34 -1.07
C GLU A 69 -2.20 -13.06 -2.27
N THR A 70 -1.44 -13.13 -3.35
CA THR A 70 -1.93 -13.68 -4.63
C THR A 70 -1.83 -15.20 -4.63
N LEU A 71 -2.85 -15.85 -5.21
CA LEU A 71 -2.89 -17.32 -5.31
C LEU A 71 -2.90 -17.83 -6.76
N GLN A 72 -2.22 -18.94 -7.01
CA GLN A 72 -2.30 -19.60 -8.33
C GLN A 72 -3.79 -19.81 -8.65
N GLY A 73 -4.17 -19.59 -9.90
CA GLY A 73 -5.60 -19.55 -10.18
C GLY A 73 -6.12 -20.27 -11.39
N GLU A 74 -7.42 -20.52 -11.33
CA GLU A 74 -8.22 -20.73 -12.53
C GLU A 74 -8.95 -19.39 -12.58
N ARG A 75 -9.44 -18.98 -13.74
CA ARG A 75 -10.29 -17.79 -13.77
C ARG A 75 -11.44 -17.90 -12.75
N GLY A 76 -11.71 -16.80 -12.05
CA GLY A 76 -12.68 -16.80 -10.95
C GLY A 76 -12.09 -17.11 -9.58
N SER A 77 -10.96 -17.82 -9.55
CA SER A 77 -10.26 -18.16 -8.30
C SER A 77 -9.90 -16.92 -7.46
N SER A 78 -9.80 -17.09 -6.14
CA SER A 78 -9.54 -15.97 -5.25
C SER A 78 -8.11 -15.85 -4.77
N ASN A 79 -7.82 -14.65 -4.28
CA ASN A 79 -6.64 -14.36 -3.51
C ASN A 79 -7.02 -14.40 -2.02
N VAL A 80 -6.12 -13.97 -1.14
CA VAL A 80 -6.39 -14.20 0.26
C VAL A 80 -5.86 -13.07 1.11
N SER A 81 -6.65 -12.69 2.13
CA SER A 81 -6.25 -11.69 3.13
C SER A 81 -5.20 -12.26 4.10
N SER A 82 -4.33 -11.38 4.60
CA SER A 82 -3.33 -11.81 5.54
C SER A 82 -3.12 -10.76 6.64
N ILE A 83 -2.69 -11.22 7.81
CA ILE A 83 -2.39 -10.32 8.91
C ILE A 83 -1.02 -10.68 9.45
N GLU A 84 -0.29 -9.66 9.88
CA GLU A 84 0.97 -9.79 10.54
C GLU A 84 0.84 -8.93 11.79
N ILE A 85 0.95 -9.57 12.96
CA ILE A 85 0.88 -8.88 14.26
C ILE A 85 2.24 -8.95 14.97
N THR A 86 2.80 -7.79 15.28
CA THR A 86 4.07 -7.68 15.99
C THR A 86 3.85 -7.38 17.46
N LEU A 87 4.38 -8.23 18.33
CA LEU A 87 4.34 -7.97 19.77
C LEU A 87 5.71 -7.65 20.35
N SER A 88 5.73 -6.86 21.43
CA SER A 88 6.96 -6.67 22.22
C SER A 88 6.71 -6.39 23.70
N ARG A 89 7.81 -6.21 24.46
CA ARG A 89 7.86 -5.89 25.90
C ARG A 89 7.05 -6.90 26.73
N ASN B 5 -21.22 6.17 9.65
CA ASN B 5 -19.71 6.10 9.63
C ASN B 5 -19.15 4.82 10.26
N ILE B 6 -20.03 4.00 10.85
CA ILE B 6 -19.65 2.72 11.47
C ILE B 6 -20.34 1.50 10.85
N ILE B 7 -19.57 0.65 10.21
CA ILE B 7 -20.08 -0.56 9.59
C ILE B 7 -19.71 -1.81 10.40
N PHE B 8 -20.73 -2.49 10.90
CA PHE B 8 -20.57 -3.72 11.68
C PHE B 8 -20.62 -4.91 10.76
N VAL B 9 -19.49 -5.56 10.58
CA VAL B 9 -19.42 -6.64 9.62
C VAL B 9 -19.93 -7.90 10.29
N GLY B 10 -21.06 -8.42 9.79
CA GLY B 10 -21.68 -9.61 10.32
C GLY B 10 -21.93 -10.72 9.33
N LYS B 11 -23.17 -11.18 9.27
CA LYS B 11 -23.48 -12.37 8.49
C LYS B 11 -23.73 -12.18 6.98
N LYS B 12 -24.04 -10.96 6.54
CA LYS B 12 -24.28 -10.67 5.11
C LYS B 12 -23.05 -10.95 4.21
N PRO B 13 -23.26 -11.13 2.90
CA PRO B 13 -22.08 -11.33 2.03
C PRO B 13 -21.13 -10.14 2.05
N THR B 14 -19.86 -10.45 1.84
CA THR B 14 -18.80 -9.47 1.90
C THR B 14 -19.07 -8.23 1.06
N MET B 15 -19.51 -8.46 -0.18
CA MET B 15 -19.72 -7.37 -1.11
C MET B 15 -20.78 -6.39 -0.58
N ASN B 16 -21.80 -6.86 0.16
CA ASN B 16 -22.72 -5.91 0.82
C ASN B 16 -21.98 -4.91 1.68
N TYR B 17 -21.00 -5.36 2.46
CA TYR B 17 -20.25 -4.45 3.31
C TYR B 17 -19.32 -3.55 2.51
N VAL B 18 -18.70 -4.10 1.47
CA VAL B 18 -17.92 -3.28 0.57
C VAL B 18 -18.81 -2.14 0.03
N LEU B 19 -20.01 -2.49 -0.39
CA LEU B 19 -20.91 -1.51 -0.95
C LEU B 19 -21.20 -0.39 0.04
N ALA B 20 -21.43 -0.73 1.31
CA ALA B 20 -21.75 0.30 2.31
C ALA B 20 -20.57 1.24 2.54
N VAL B 21 -19.36 0.68 2.48
CA VAL B 21 -18.12 1.45 2.66
C VAL B 21 -17.92 2.37 1.45
N VAL B 22 -18.01 1.83 0.23
CA VAL B 22 -17.74 2.60 -1.00
C VAL B 22 -18.79 3.71 -1.15
N THR B 23 -20.04 3.38 -0.87
CA THR B 23 -21.07 4.42 -0.83
C THR B 23 -20.74 5.59 0.08
N GLN B 24 -20.36 5.30 1.30
CA GLN B 24 -20.02 6.38 2.22
C GLN B 24 -18.86 7.24 1.71
N PHE B 25 -17.87 6.63 1.06
CA PHE B 25 -16.76 7.40 0.49
C PHE B 25 -17.18 8.22 -0.72
N ASN B 26 -18.03 7.65 -1.57
CA ASN B 26 -18.63 8.39 -2.65
C ASN B 26 -19.46 9.58 -2.17
N ASN B 27 -20.07 9.49 -0.99
CA ASN B 27 -20.78 10.64 -0.42
C ASN B 27 -19.86 11.50 0.42
N ASN B 28 -18.55 11.42 0.12
CA ASN B 28 -17.53 12.32 0.69
C ASN B 28 -17.25 12.22 2.21
N ALA B 29 -17.34 11.02 2.78
CA ALA B 29 -16.85 10.77 4.15
C ALA B 29 -15.32 10.78 4.16
N ASN B 30 -14.75 11.29 5.25
CA ASN B 30 -13.31 11.32 5.45
C ASN B 30 -12.76 10.08 6.17
N LYS B 31 -13.51 9.63 7.20
CA LYS B 31 -13.17 8.48 8.03
C LYS B 31 -14.31 7.45 8.04
N ILE B 32 -13.96 6.18 7.82
CA ILE B 32 -14.91 5.05 7.90
C ILE B 32 -14.38 4.00 8.88
N ILE B 33 -15.23 3.58 9.82
CA ILE B 33 -14.88 2.52 10.76
C ILE B 33 -15.59 1.20 10.43
N ILE B 34 -14.80 0.14 10.28
CA ILE B 34 -15.33 -1.20 10.09
C ILE B 34 -15.06 -1.99 11.37
N LYS B 35 -16.11 -2.55 12.00
CA LYS B 35 -15.97 -3.35 13.24
C LYS B 35 -16.48 -4.75 12.99
N ALA B 36 -15.82 -5.73 13.57
CA ALA B 36 -16.24 -7.14 13.45
C ALA B 36 -15.75 -7.85 14.69
N ARG B 37 -16.33 -9.02 14.97
CA ARG B 37 -15.91 -9.83 16.12
C ARG B 37 -15.97 -11.30 15.76
N GLY B 38 -15.10 -12.10 16.37
CA GLY B 38 -15.13 -13.54 16.16
C GLY B 38 -14.65 -13.99 14.78
N LYS B 39 -15.36 -14.97 14.24
CA LYS B 39 -15.02 -15.56 12.98
C LYS B 39 -14.97 -14.49 11.86
N THR B 40 -15.80 -13.46 11.97
CA THR B 40 -15.95 -12.56 10.83
C THR B 40 -14.89 -11.46 10.81
N ILE B 41 -13.94 -11.57 11.72
CA ILE B 41 -12.76 -10.74 11.64
C ILE B 41 -12.13 -10.96 10.25
N SER B 42 -12.15 -12.20 9.75
CA SER B 42 -11.64 -12.48 8.40
C SER B 42 -12.36 -11.64 7.37
N LYS B 43 -13.68 -11.56 7.53
CA LYS B 43 -14.51 -10.90 6.56
C LYS B 43 -14.25 -9.40 6.59
N ALA B 44 -14.09 -8.83 7.78
CA ALA B 44 -13.72 -7.43 7.89
C ALA B 44 -12.43 -7.08 7.10
N VAL B 45 -11.39 -7.90 7.23
CA VAL B 45 -10.14 -7.65 6.54
C VAL B 45 -10.38 -7.69 5.03
N ASP B 46 -11.20 -8.65 4.60
CA ASP B 46 -11.67 -8.74 3.24
C ASP B 46 -12.36 -7.47 2.77
N VAL B 47 -13.31 -6.96 3.54
CA VAL B 47 -14.02 -5.77 3.15
C VAL B 47 -13.03 -4.65 2.86
N ALA B 48 -12.10 -4.41 3.76
CA ALA B 48 -11.15 -3.33 3.61
C ALA B 48 -10.13 -3.58 2.50
N GLU B 49 -9.68 -4.81 2.31
CA GLU B 49 -8.70 -5.06 1.25
C GLU B 49 -9.32 -4.88 -0.14
N ILE B 50 -10.54 -5.37 -0.30
CA ILE B 50 -11.21 -5.26 -1.56
C ILE B 50 -11.51 -3.80 -1.85
N THR B 51 -12.02 -3.10 -0.85
CA THR B 51 -12.34 -1.71 -1.02
C THR B 51 -11.12 -0.94 -1.54
N ARG B 52 -9.99 -1.16 -0.92
CA ARG B 52 -8.73 -0.54 -1.24
C ARG B 52 -8.19 -0.88 -2.60
N HIS B 53 -8.37 -2.11 -2.99
CA HIS B 53 -7.75 -2.60 -4.23
C HIS B 53 -8.61 -2.31 -5.42
N LYS B 54 -9.92 -2.17 -5.21
CA LYS B 54 -10.87 -2.25 -6.33
C LYS B 54 -11.75 -1.02 -6.45
N PHE B 55 -11.86 -0.21 -5.41
CA PHE B 55 -12.83 0.88 -5.48
C PHE B 55 -12.31 2.22 -5.05
N ILE B 56 -11.61 2.26 -3.93
CA ILE B 56 -11.09 3.51 -3.42
C ILE B 56 -9.58 3.33 -3.27
N PRO B 57 -8.83 3.40 -4.38
CA PRO B 57 -7.41 3.03 -4.29
C PRO B 57 -6.57 3.95 -3.43
N ASP B 58 -7.15 5.05 -2.93
CA ASP B 58 -6.44 5.96 -2.02
C ASP B 58 -6.97 5.92 -0.58
N ALA B 59 -7.77 4.91 -0.28
CA ALA B 59 -8.19 4.63 1.09
C ALA B 59 -7.02 4.09 1.91
N LYS B 60 -6.76 4.76 3.03
CA LYS B 60 -5.65 4.37 3.89
C LYS B 60 -6.03 3.83 5.26
N TYR B 61 -5.15 2.98 5.79
CA TYR B 61 -5.28 2.46 7.13
C TYR B 61 -4.82 3.53 8.09
N GLU B 62 -5.77 4.27 8.66
CA GLU B 62 -5.52 5.24 9.71
C GLU B 62 -5.09 4.54 11.01
N GLU B 63 -5.86 3.53 11.42
CA GLU B 63 -5.65 2.85 12.69
C GLU B 63 -6.25 1.42 12.62
N ILE B 64 -5.56 0.45 13.23
CA ILE B 64 -6.08 -0.91 13.39
C ILE B 64 -6.01 -1.30 14.87
N ARG B 65 -7.16 -1.58 15.47
CA ARG B 65 -7.24 -1.88 16.89
C ARG B 65 -7.77 -3.31 17.10
N LEU B 66 -7.04 -4.12 17.85
CA LEU B 66 -7.48 -5.46 18.25
C LEU B 66 -7.87 -5.45 19.74
N ASP B 67 -9.00 -6.06 20.05
CA ASP B 67 -9.47 -6.06 21.41
C ASP B 67 -10.13 -7.40 21.71
N THR B 68 -10.65 -7.52 22.93
CA THR B 68 -11.47 -8.62 23.35
C THR B 68 -12.78 -7.99 23.82
N GLU B 69 -13.88 -8.66 23.51
CA GLU B 69 -15.17 -8.21 23.94
C GLU B 69 -15.94 -9.36 24.54
N THR B 70 -16.96 -9.03 25.33
CA THR B 70 -17.77 -10.10 25.90
C THR B 70 -19.18 -10.07 25.37
N LEU B 71 -19.76 -11.27 25.22
CA LEU B 71 -21.11 -11.44 24.75
C LEU B 71 -21.83 -12.48 25.56
N GLN B 72 -23.16 -12.44 25.55
CA GLN B 72 -23.94 -13.54 26.12
C GLN B 72 -23.81 -14.75 25.21
N GLY B 73 -23.20 -15.80 25.73
CA GLY B 73 -23.06 -17.03 24.98
C GLY B 73 -24.21 -17.97 25.28
N GLU B 74 -23.99 -19.23 24.91
CA GLU B 74 -24.88 -20.33 25.25
C GLU B 74 -24.95 -20.57 26.76
N ARG B 75 -23.77 -20.59 27.39
CA ARG B 75 -23.64 -20.95 28.81
C ARG B 75 -22.91 -19.85 29.60
N GLY B 76 -23.65 -18.83 30.02
CA GLY B 76 -23.03 -17.70 30.70
C GLY B 76 -22.25 -16.79 29.77
N SER B 77 -21.27 -16.07 30.33
CA SER B 77 -20.46 -15.09 29.60
C SER B 77 -19.50 -15.72 28.62
N SER B 78 -19.13 -14.95 27.60
CA SER B 78 -18.17 -15.42 26.61
C SER B 78 -17.29 -14.29 26.07
N ASN B 79 -16.02 -14.64 25.84
CA ASN B 79 -15.03 -13.71 25.34
C ASN B 79 -14.74 -13.96 23.87
N VAL B 80 -14.86 -12.93 23.04
CA VAL B 80 -14.43 -13.05 21.64
C VAL B 80 -13.49 -11.92 21.27
N SER B 81 -12.64 -12.18 20.26
CA SER B 81 -11.76 -11.16 19.69
C SER B 81 -12.56 -10.17 18.85
N SER B 82 -12.11 -8.92 18.78
CA SER B 82 -12.81 -7.95 17.96
C SER B 82 -11.79 -7.11 17.25
N ILE B 83 -12.15 -6.55 16.10
CA ILE B 83 -11.25 -5.72 15.34
C ILE B 83 -11.95 -4.44 14.96
N GLU B 84 -11.19 -3.36 14.99
CA GLU B 84 -11.66 -2.07 14.55
C GLU B 84 -10.68 -1.48 13.51
N ILE B 85 -11.14 -1.37 12.27
CA ILE B 85 -10.33 -0.81 11.19
C ILE B 85 -10.84 0.55 10.79
N THR B 86 -9.96 1.53 10.82
CA THR B 86 -10.29 2.87 10.40
C THR B 86 -9.64 3.16 9.05
N LEU B 87 -10.48 3.36 8.04
CA LEU B 87 -10.04 3.74 6.71
C LEU B 87 -10.26 5.24 6.52
N SER B 88 -9.34 5.91 5.85
CA SER B 88 -9.49 7.33 5.58
C SER B 88 -8.87 7.79 4.27
N ARG B 89 -9.23 9.04 3.94
CA ARG B 89 -8.59 9.83 2.89
C ARG B 89 -8.26 11.22 3.41
N ASN C 5 12.01 -10.18 -17.20
CA ASN C 5 13.08 -9.42 -16.53
C ASN C 5 12.84 -7.90 -16.60
N ILE C 6 12.87 -7.36 -17.83
CA ILE C 6 12.94 -5.91 -18.08
C ILE C 6 11.92 -5.33 -19.07
N ILE C 7 10.96 -4.54 -18.58
CA ILE C 7 9.92 -3.95 -19.46
C ILE C 7 10.16 -2.46 -19.74
N PHE C 8 10.31 -2.12 -21.02
CA PHE C 8 10.54 -0.74 -21.44
C PHE C 8 9.22 -0.14 -21.85
N VAL C 9 8.69 0.77 -21.05
CA VAL C 9 7.38 1.31 -21.32
C VAL C 9 7.54 2.40 -22.35
N GLY C 10 6.90 2.20 -23.50
CA GLY C 10 6.98 3.14 -24.61
C GLY C 10 5.62 3.49 -25.19
N LYS C 11 5.49 3.30 -26.51
CA LYS C 11 4.33 3.81 -27.21
C LYS C 11 3.07 2.91 -27.22
N LYS C 12 3.22 1.58 -27.01
CA LYS C 12 2.04 0.68 -26.94
C LYS C 12 1.01 1.09 -25.86
N PRO C 13 -0.25 0.61 -25.96
CA PRO C 13 -1.21 1.02 -24.90
C PRO C 13 -0.82 0.47 -23.54
N THR C 14 -1.24 1.17 -22.49
CA THR C 14 -0.87 0.85 -21.13
C THR C 14 -1.14 -0.62 -20.78
N MET C 15 -2.31 -1.12 -21.18
CA MET C 15 -2.66 -2.51 -20.83
C MET C 15 -1.68 -3.53 -21.41
N ASN C 16 -1.10 -3.28 -22.59
CA ASN C 16 -0.09 -4.22 -23.09
C ASN C 16 1.08 -4.34 -22.14
N TYR C 17 1.50 -3.24 -21.51
CA TYR C 17 2.62 -3.35 -20.56
C TYR C 17 2.19 -4.04 -19.25
N VAL C 18 0.99 -3.73 -18.79
CA VAL C 18 0.47 -4.43 -17.64
C VAL C 18 0.52 -5.94 -17.93
N LEU C 19 0.12 -6.35 -19.11
CA LEU C 19 0.08 -7.75 -19.43
C LEU C 19 1.46 -8.40 -19.40
N ALA C 20 2.47 -7.73 -19.93
CA ALA C 20 3.84 -8.27 -19.88
C ALA C 20 4.31 -8.44 -18.44
N VAL C 21 3.90 -7.53 -17.55
CA VAL C 21 4.33 -7.59 -16.14
C VAL C 21 3.59 -8.74 -15.46
N VAL C 22 2.27 -8.79 -15.60
CA VAL C 22 1.48 -9.82 -14.93
C VAL C 22 1.88 -11.21 -15.39
N THR C 23 2.22 -11.34 -16.66
CA THR C 23 2.68 -12.61 -17.20
C THR C 23 3.97 -13.08 -16.57
N GLN C 24 4.91 -12.16 -16.45
CA GLN C 24 6.14 -12.48 -15.78
C GLN C 24 5.92 -12.94 -14.36
N PHE C 25 5.06 -12.24 -13.59
CA PHE C 25 4.74 -12.70 -12.23
C PHE C 25 4.07 -14.07 -12.20
N ASN C 26 3.12 -14.30 -13.09
CA ASN C 26 2.48 -15.59 -13.21
C ASN C 26 3.48 -16.71 -13.53
N ASN C 27 4.56 -16.37 -14.20
CA ASN C 27 5.61 -17.36 -14.50
C ASN C 27 6.67 -17.42 -13.41
N ASN C 28 6.31 -16.90 -12.23
CA ASN C 28 7.12 -17.01 -11.01
C ASN C 28 8.39 -16.14 -10.96
N ALA C 29 8.35 -14.98 -11.60
CA ALA C 29 9.39 -13.95 -11.42
C ALA C 29 9.32 -13.38 -10.00
N ASN C 30 10.49 -13.15 -9.40
CA ASN C 30 10.59 -12.54 -8.08
C ASN C 30 10.67 -11.00 -8.20
N LYS C 31 11.53 -10.54 -9.12
CA LYS C 31 11.78 -9.13 -9.41
C LYS C 31 11.41 -8.77 -10.83
N ILE C 32 10.70 -7.65 -11.00
CA ILE C 32 10.36 -7.10 -12.31
C ILE C 32 10.75 -5.63 -12.40
N ILE C 33 11.43 -5.25 -13.49
CA ILE C 33 11.90 -3.88 -13.71
C ILE C 33 11.15 -3.17 -14.84
N ILE C 34 10.45 -2.10 -14.48
CA ILE C 34 9.78 -1.23 -15.46
C ILE C 34 10.61 0.04 -15.69
N LYS C 35 10.99 0.32 -16.95
CA LYS C 35 11.75 1.54 -17.32
C LYS C 35 10.95 2.36 -18.29
N ALA C 36 11.11 3.67 -18.21
CA ALA C 36 10.47 4.60 -19.15
C ALA C 36 11.26 5.89 -19.11
N ARG C 37 11.18 6.66 -20.19
CA ARG C 37 11.84 7.96 -20.23
C ARG C 37 10.88 8.98 -20.82
N GLY C 38 11.06 10.25 -20.50
CA GLY C 38 10.23 11.29 -21.10
C GLY C 38 8.79 11.35 -20.62
N LYS C 39 7.90 11.66 -21.55
CA LYS C 39 6.50 11.75 -21.24
C LYS C 39 5.90 10.42 -20.76
N THR C 40 6.48 9.29 -21.15
CA THR C 40 5.86 7.99 -20.80
C THR C 40 6.18 7.55 -19.37
N ILE C 41 6.96 8.35 -18.67
CA ILE C 41 7.17 8.14 -17.25
C ILE C 41 5.79 7.96 -16.56
N SER C 42 4.81 8.75 -16.97
CA SER C 42 3.55 8.69 -16.29
C SER C 42 2.82 7.43 -16.70
N LYS C 43 3.10 6.94 -17.89
CA LYS C 43 2.58 5.65 -18.31
C LYS C 43 3.20 4.48 -17.50
N ALA C 44 4.49 4.54 -17.22
CA ALA C 44 5.09 3.54 -16.36
C ALA C 44 4.45 3.53 -14.97
N VAL C 45 4.17 4.69 -14.39
CA VAL C 45 3.55 4.72 -13.07
C VAL C 45 2.18 4.04 -13.12
N ASP C 46 1.40 4.34 -14.15
CA ASP C 46 0.15 3.65 -14.45
C ASP C 46 0.33 2.13 -14.54
N VAL C 47 1.35 1.66 -15.25
CA VAL C 47 1.55 0.24 -15.39
C VAL C 47 1.69 -0.39 -14.00
N ALA C 48 2.57 0.19 -13.20
CA ALA C 48 2.83 -0.32 -11.87
C ALA C 48 1.62 -0.20 -10.95
N GLU C 49 0.88 0.91 -11.00
CA GLU C 49 -0.28 1.07 -10.13
C GLU C 49 -1.43 0.10 -10.45
N ILE C 50 -1.78 -0.02 -11.73
CA ILE C 50 -2.82 -0.94 -12.15
C ILE C 50 -2.41 -2.38 -11.77
N THR C 51 -1.16 -2.75 -12.04
CA THR C 51 -0.74 -4.10 -11.77
C THR C 51 -1.03 -4.47 -10.32
N ARG C 52 -0.70 -3.58 -9.42
CA ARG C 52 -0.77 -3.95 -8.04
C ARG C 52 -2.14 -3.73 -7.41
N HIS C 53 -3.02 -3.00 -8.08
CA HIS C 53 -4.38 -2.86 -7.60
C HIS C 53 -5.27 -3.94 -8.16
N LYS C 54 -5.01 -4.35 -9.40
CA LYS C 54 -5.94 -5.23 -10.11
C LYS C 54 -5.45 -6.63 -10.33
N PHE C 55 -4.15 -6.89 -10.28
CA PHE C 55 -3.66 -8.19 -10.76
C PHE C 55 -2.79 -8.92 -9.77
N ILE C 56 -1.79 -8.24 -9.23
CA ILE C 56 -0.87 -8.86 -8.30
C ILE C 56 -0.89 -8.00 -7.04
N PRO C 57 -1.94 -8.16 -6.20
CA PRO C 57 -2.14 -7.26 -5.05
C PRO C 57 -0.99 -7.28 -4.05
N ASP C 58 -0.12 -8.28 -4.13
CA ASP C 58 1.06 -8.31 -3.26
C ASP C 58 2.37 -7.91 -3.93
N ALA C 59 2.30 -7.26 -5.09
CA ALA C 59 3.50 -6.70 -5.71
C ALA C 59 3.91 -5.48 -4.91
N LYS C 60 5.19 -5.40 -4.61
CA LYS C 60 5.72 -4.29 -3.81
C LYS C 60 6.80 -3.49 -4.50
N TYR C 61 6.86 -2.22 -4.14
CA TYR C 61 7.88 -1.31 -4.63
C TYR C 61 9.19 -1.59 -3.91
N GLU C 62 10.07 -2.36 -4.54
CA GLU C 62 11.40 -2.61 -4.00
C GLU C 62 12.25 -1.34 -4.07
N GLU C 63 12.23 -0.66 -5.20
CA GLU C 63 13.08 0.50 -5.45
C GLU C 63 12.48 1.38 -6.54
N ILE C 64 12.66 2.69 -6.42
CA ILE C 64 12.23 3.65 -7.44
C ILE C 64 13.40 4.58 -7.71
N ARG C 65 13.96 4.55 -8.92
CA ARG C 65 15.07 5.42 -9.28
C ARG C 65 14.65 6.44 -10.30
N LEU C 66 15.03 7.68 -10.04
CA LEU C 66 14.82 8.78 -10.97
C LEU C 66 16.18 9.20 -11.53
N ASP C 67 16.25 9.45 -12.82
CA ASP C 67 17.52 9.76 -13.43
C ASP C 67 17.37 10.70 -14.61
N THR C 68 18.51 11.04 -15.21
CA THR C 68 18.51 11.73 -16.49
C THR C 68 19.30 10.86 -17.46
N GLU C 69 18.79 10.75 -18.69
CA GLU C 69 19.48 10.02 -19.76
C GLU C 69 19.65 10.93 -20.96
N THR C 70 20.59 10.59 -21.83
CA THR C 70 20.73 11.35 -23.05
C THR C 70 20.34 10.55 -24.27
N LEU C 71 19.71 11.22 -25.23
CA LEU C 71 19.38 10.57 -26.49
C LEU C 71 19.75 11.45 -27.69
N GLN C 72 19.76 10.85 -28.88
CA GLN C 72 19.92 11.63 -30.09
C GLN C 72 18.57 12.30 -30.35
N GLY C 73 18.59 13.63 -30.37
CA GLY C 73 17.37 14.39 -30.62
C GLY C 73 17.31 14.86 -32.05
N GLU C 74 16.40 15.80 -32.28
CA GLU C 74 16.27 16.46 -33.57
C GLU C 74 17.50 17.31 -33.94
N ARG C 75 18.08 18.00 -32.94
CA ARG C 75 19.20 18.93 -33.16
C ARG C 75 20.36 18.69 -32.18
N GLY C 76 21.23 17.73 -32.49
CA GLY C 76 22.23 17.31 -31.50
C GLY C 76 21.62 16.53 -30.34
N SER C 77 22.37 16.39 -29.25
CA SER C 77 22.00 15.49 -28.16
C SER C 77 21.01 16.18 -27.24
N SER C 78 20.37 15.39 -26.39
CA SER C 78 19.21 15.86 -25.66
C SER C 78 19.02 15.04 -24.38
N ASN C 79 18.62 15.74 -23.33
CA ASN C 79 18.45 15.18 -22.01
C ASN C 79 16.99 14.94 -21.70
N VAL C 80 16.64 13.73 -21.28
CA VAL C 80 15.30 13.46 -20.78
C VAL C 80 15.37 12.75 -19.45
N SER C 81 14.29 12.88 -18.67
CA SER C 81 14.15 12.16 -17.41
C SER C 81 13.85 10.70 -17.66
N SER C 82 14.19 9.84 -16.71
CA SER C 82 13.90 8.44 -16.84
C SER C 82 13.51 7.91 -15.48
N ILE C 83 12.71 6.85 -15.47
CA ILE C 83 12.30 6.24 -14.23
C ILE C 83 12.60 4.78 -14.27
N GLU C 84 12.92 4.24 -13.10
CA GLU C 84 13.29 2.85 -12.90
C GLU C 84 12.48 2.27 -11.75
N ILE C 85 11.46 1.49 -12.06
CA ILE C 85 10.63 0.93 -10.99
C ILE C 85 10.85 -0.55 -10.83
N THR C 86 11.23 -0.96 -9.63
CA THR C 86 11.38 -2.37 -9.31
C THR C 86 10.22 -2.87 -8.46
N LEU C 87 9.43 -3.77 -9.03
CA LEU C 87 8.41 -4.48 -8.31
C LEU C 87 8.90 -5.86 -7.90
N SER C 88 8.56 -6.28 -6.69
CA SER C 88 8.83 -7.64 -6.24
C SER C 88 7.74 -8.20 -5.33
N ARG C 89 7.85 -9.50 -5.06
CA ARG C 89 6.90 -10.20 -4.20
C ARG C 89 7.57 -10.69 -2.91
N ASN D 5 4.82 23.98 2.20
CA ASN D 5 6.09 23.31 1.93
C ASN D 5 6.02 22.33 0.78
N ILE D 6 4.85 22.24 0.17
CA ILE D 6 4.68 21.34 -0.91
C ILE D 6 4.54 22.17 -2.15
N ILE D 7 5.14 21.68 -3.21
CA ILE D 7 5.07 22.30 -4.51
C ILE D 7 4.27 21.40 -5.45
N PHE D 8 3.09 21.87 -5.82
CA PHE D 8 2.21 21.15 -6.70
C PHE D 8 2.57 21.50 -8.12
N VAL D 9 3.08 20.53 -8.88
CA VAL D 9 3.54 20.81 -10.22
C VAL D 9 2.37 20.75 -11.18
N GLY D 10 2.09 21.89 -11.80
CA GLY D 10 0.95 22.03 -12.70
C GLY D 10 1.40 22.52 -14.05
N LYS D 11 0.69 23.53 -14.57
CA LYS D 11 0.76 23.85 -15.99
C LYS D 11 1.78 24.91 -16.40
N LYS D 12 2.30 25.67 -15.42
CA LYS D 12 3.35 26.68 -15.65
C LYS D 12 4.67 26.11 -16.19
N PRO D 13 5.50 26.94 -16.85
CA PRO D 13 6.80 26.42 -17.32
C PRO D 13 7.65 25.86 -16.19
N THR D 14 8.34 24.78 -16.51
CA THR D 14 9.10 23.98 -15.56
C THR D 14 9.98 24.78 -14.58
N MET D 15 10.65 25.81 -15.10
CA MET D 15 11.63 26.55 -14.33
C MET D 15 10.99 27.28 -13.14
N ASN D 16 9.74 27.72 -13.28
CA ASN D 16 8.96 28.28 -12.13
C ASN D 16 8.97 27.35 -10.94
N TYR D 17 8.68 26.08 -11.20
CA TYR D 17 8.69 25.08 -10.14
C TYR D 17 10.09 24.90 -9.60
N VAL D 18 11.09 24.93 -10.49
CA VAL D 18 12.48 24.81 -10.06
C VAL D 18 12.85 25.98 -9.15
N LEU D 19 12.40 27.16 -9.50
CA LEU D 19 12.64 28.37 -8.72
C LEU D 19 12.01 28.26 -7.36
N ALA D 20 10.76 27.78 -7.30
CA ALA D 20 10.06 27.58 -6.02
C ALA D 20 10.84 26.63 -5.11
N VAL D 21 11.47 25.61 -5.72
CA VAL D 21 12.29 24.66 -4.96
C VAL D 21 13.56 25.33 -4.43
N VAL D 22 14.27 26.06 -5.29
CA VAL D 22 15.50 26.71 -4.86
C VAL D 22 15.20 27.74 -3.79
N THR D 23 14.20 28.58 -4.04
CA THR D 23 13.76 29.57 -3.05
C THR D 23 13.58 28.99 -1.66
N GLN D 24 12.87 27.87 -1.57
CA GLN D 24 12.52 27.32 -0.27
C GLN D 24 13.69 26.74 0.49
N PHE D 25 14.70 26.23 -0.22
CA PHE D 25 15.95 25.82 0.41
C PHE D 25 16.79 26.97 0.98
N ASN D 26 16.70 28.14 0.35
CA ASN D 26 17.48 29.31 0.79
C ASN D 26 17.00 29.88 2.11
N ASN D 27 15.69 29.83 2.32
CA ASN D 27 15.07 30.10 3.60
C ASN D 27 15.11 28.86 4.48
N ASN D 28 16.14 28.03 4.22
CA ASN D 28 16.51 26.86 5.02
C ASN D 28 15.40 25.89 5.52
N ALA D 29 14.38 25.62 4.69
CA ALA D 29 13.62 24.37 4.86
C ALA D 29 14.62 23.22 4.64
N ASN D 30 14.47 22.14 5.39
CA ASN D 30 15.39 21.00 5.23
C ASN D 30 14.84 19.94 4.27
N LYS D 31 13.50 19.93 4.12
CA LYS D 31 12.79 19.01 3.26
C LYS D 31 11.95 19.79 2.28
N ILE D 32 11.92 19.36 1.01
CA ILE D 32 10.98 19.87 0.03
C ILE D 32 10.23 18.70 -0.60
N ILE D 33 8.93 18.90 -0.82
CA ILE D 33 8.03 17.93 -1.40
C ILE D 33 7.52 18.41 -2.74
N ILE D 34 7.87 17.69 -3.80
CA ILE D 34 7.31 17.96 -5.11
C ILE D 34 6.21 16.92 -5.33
N LYS D 35 5.06 17.35 -5.84
CA LYS D 35 3.86 16.51 -5.90
C LYS D 35 3.21 16.75 -7.26
N ALA D 36 2.80 15.69 -7.95
CA ALA D 36 2.13 15.81 -9.24
C ALA D 36 1.24 14.61 -9.54
N ARG D 37 0.28 14.79 -10.47
CA ARG D 37 -0.71 13.76 -10.84
C ARG D 37 -0.81 13.70 -12.35
N GLY D 38 -1.16 12.54 -12.88
CA GLY D 38 -1.47 12.43 -14.31
C GLY D 38 -0.29 12.64 -15.24
N LYS D 39 -0.50 13.37 -16.34
CA LYS D 39 0.58 13.54 -17.29
C LYS D 39 1.75 14.39 -16.75
N THR D 40 1.49 15.25 -15.77
CA THR D 40 2.53 16.11 -15.22
C THR D 40 3.56 15.41 -14.31
N ILE D 41 3.30 14.15 -13.95
CA ILE D 41 4.32 13.33 -13.31
C ILE D 41 5.67 13.41 -14.05
N SER D 42 5.64 13.48 -15.38
CA SER D 42 6.88 13.65 -16.15
C SER D 42 7.57 14.94 -15.76
N LYS D 43 6.78 16.01 -15.72
CA LYS D 43 7.27 17.33 -15.40
C LYS D 43 7.87 17.39 -13.98
N ALA D 44 7.22 16.73 -13.01
CA ALA D 44 7.71 16.75 -11.64
C ALA D 44 9.10 16.11 -11.58
N VAL D 45 9.30 15.05 -12.35
CA VAL D 45 10.60 14.40 -12.38
C VAL D 45 11.66 15.31 -13.00
N ASP D 46 11.34 15.97 -14.11
CA ASP D 46 12.18 17.07 -14.65
C ASP D 46 12.54 18.16 -13.62
N VAL D 47 11.53 18.63 -12.86
CA VAL D 47 11.75 19.67 -11.86
C VAL D 47 12.80 19.21 -10.89
N ALA D 48 12.63 18.02 -10.34
CA ALA D 48 13.64 17.47 -9.42
C ALA D 48 14.99 17.21 -10.09
N GLU D 49 14.99 16.84 -11.35
CA GLU D 49 16.26 16.49 -11.98
C GLU D 49 17.04 17.74 -12.39
N ILE D 50 16.35 18.75 -12.89
CA ILE D 50 17.03 20.00 -13.20
C ILE D 50 17.61 20.61 -11.93
N THR D 51 16.80 20.63 -10.87
CA THR D 51 17.21 21.14 -9.58
C THR D 51 18.53 20.54 -9.16
N ARG D 52 18.60 19.23 -9.01
CA ARG D 52 19.86 18.61 -8.57
C ARG D 52 21.02 18.66 -9.56
N HIS D 53 20.74 18.86 -10.84
CA HIS D 53 21.83 18.94 -11.82
C HIS D 53 22.46 20.29 -12.00
N LYS D 54 21.71 21.35 -11.77
CA LYS D 54 22.25 22.65 -12.09
C LYS D 54 22.18 23.62 -10.95
N PHE D 55 21.21 23.44 -10.06
CA PHE D 55 20.87 24.48 -9.12
C PHE D 55 21.04 24.18 -7.62
N ILE D 56 20.80 22.95 -7.19
CA ILE D 56 21.18 22.55 -5.86
C ILE D 56 22.06 21.29 -5.96
N PRO D 57 23.33 21.45 -6.36
CA PRO D 57 24.17 20.28 -6.70
C PRO D 57 24.29 19.23 -5.59
N ASP D 58 23.85 19.59 -4.39
CA ASP D 58 23.89 18.71 -3.21
C ASP D 58 22.51 18.14 -2.78
N ALA D 59 21.50 18.28 -3.63
CA ALA D 59 20.18 17.78 -3.29
C ALA D 59 20.14 16.26 -3.44
N LYS D 60 19.54 15.61 -2.46
CA LYS D 60 19.38 14.16 -2.47
C LYS D 60 17.91 13.74 -2.48
N TYR D 61 17.63 12.60 -3.10
CA TYR D 61 16.28 12.03 -3.02
C TYR D 61 16.09 11.42 -1.64
N GLU D 62 15.21 11.98 -0.82
CA GLU D 62 14.93 11.33 0.46
C GLU D 62 13.92 10.20 0.30
N GLU D 63 12.84 10.46 -0.44
CA GLU D 63 11.75 9.50 -0.60
C GLU D 63 10.96 9.79 -1.89
N ILE D 64 10.58 8.72 -2.57
CA ILE D 64 9.72 8.80 -3.74
C ILE D 64 8.51 7.86 -3.51
N ARG D 65 7.30 8.40 -3.58
CA ARG D 65 6.11 7.59 -3.39
C ARG D 65 5.25 7.61 -4.62
N LEU D 66 4.68 6.46 -4.96
CA LEU D 66 3.73 6.39 -6.05
C LEU D 66 2.37 5.97 -5.51
N ASP D 67 1.31 6.66 -5.93
CA ASP D 67 -0.04 6.36 -5.47
C ASP D 67 -1.02 6.45 -6.62
N THR D 68 -2.27 6.12 -6.31
CA THR D 68 -3.37 6.33 -7.21
C THR D 68 -4.41 7.08 -6.41
N GLU D 69 -4.96 8.13 -6.98
CA GLU D 69 -5.98 8.94 -6.30
C GLU D 69 -7.31 8.79 -7.01
N THR D 70 -8.39 8.73 -6.23
CA THR D 70 -9.72 8.43 -6.79
C THR D 70 -10.34 9.66 -7.40
N LEU D 71 -11.05 9.45 -8.52
CA LEU D 71 -11.74 10.53 -9.25
C LEU D 71 -13.21 10.18 -9.57
N GLN D 72 -14.10 10.71 -8.72
CA GLN D 72 -15.55 10.60 -8.93
C GLN D 72 -15.94 11.73 -9.89
N GLY D 73 -16.21 11.38 -11.14
CA GLY D 73 -16.29 9.99 -11.57
C GLY D 73 -17.62 9.66 -12.21
N GLU D 74 -17.54 8.94 -13.31
CA GLU D 74 -18.71 8.49 -14.06
C GLU D 74 -18.37 7.12 -14.62
N ARG D 75 -19.29 6.16 -14.50
CA ARG D 75 -18.97 4.78 -14.87
C ARG D 75 -18.02 4.67 -16.05
N GLY D 76 -16.91 3.95 -15.84
CA GLY D 76 -15.83 3.90 -16.80
C GLY D 76 -14.94 5.13 -16.78
N SER D 77 -15.16 6.03 -15.82
CA SER D 77 -14.25 7.16 -15.62
C SER D 77 -12.97 6.63 -15.00
N SER D 78 -11.87 7.32 -15.28
CA SER D 78 -10.58 6.94 -14.74
C SER D 78 -10.31 7.55 -13.37
N ASN D 79 -9.29 6.98 -12.76
CA ASN D 79 -8.64 7.52 -11.61
C ASN D 79 -7.29 8.02 -12.10
N VAL D 80 -6.46 8.54 -11.21
CA VAL D 80 -5.21 9.10 -11.68
C VAL D 80 -3.99 8.70 -10.87
N SER D 81 -2.86 8.52 -11.54
CA SER D 81 -1.60 8.25 -10.83
C SER D 81 -1.03 9.52 -10.20
N SER D 82 -0.18 9.36 -9.19
CA SER D 82 0.42 10.48 -8.49
C SER D 82 1.82 10.15 -7.99
N ILE D 83 2.66 11.18 -7.90
CA ILE D 83 4.01 11.03 -7.39
C ILE D 83 4.23 12.10 -6.34
N GLU D 84 5.03 11.75 -5.34
CA GLU D 84 5.43 12.66 -4.31
C GLU D 84 6.92 12.41 -4.18
N ILE D 85 7.71 13.46 -4.43
CA ILE D 85 9.16 13.40 -4.33
C ILE D 85 9.70 14.30 -3.22
N THR D 86 10.44 13.69 -2.28
CA THR D 86 11.04 14.44 -1.18
C THR D 86 12.52 14.69 -1.40
N LEU D 87 12.92 15.96 -1.38
CA LEU D 87 14.34 16.29 -1.45
C LEU D 87 14.89 16.85 -0.15
N SER D 88 16.17 16.59 0.10
CA SER D 88 16.91 17.38 1.09
C SER D 88 18.40 17.54 0.77
N ARG D 89 19.07 18.35 1.60
CA ARG D 89 20.52 18.59 1.59
C ARG D 89 21.33 17.29 1.64
#